data_5VOG
#
_entry.id   5VOG
#
_cell.length_a   81.270
_cell.length_b   103.930
_cell.length_c   105.540
_cell.angle_alpha   90.000
_cell.angle_beta   90.000
_cell.angle_gamma   90.000
#
_symmetry.space_group_name_H-M   'F 2 2 2'
#
loop_
_entity.id
_entity.type
_entity.pdbx_description
1 polymer 'Putative phosphoribosyltransferase'
2 non-polymer 1,2-ETHANEDIOL
3 non-polymer "GUANOSINE-5',3'-TETRAPHOSPHATE"
4 non-polymer 'MAGNESIUM ION'
5 water water
#
_entity_poly.entity_id   1
_entity_poly.type   'polypeptide(L)'
_entity_poly.pdbx_seq_one_letter_code
;MAHHHHHHMKQKIWYTYDDIHRVIKALAEKIRNAGVKYDAMIAIGGGGFIPARMLRCFLEIPIYAVTTAYYDSDNEGQVT
EEVKKVQWLDPVPEVLRGKNVLVVDEVDDSRVTMEFCLKELLKEDFDTVGVAVLHEKIKAKAGKIPEGIPYFSGITVEDW
WINYPWDALDIDEHNRLAEAGRG
;
_entity_poly.pdbx_strand_id   A
#
loop_
_chem_comp.id
_chem_comp.type
_chem_comp.name
_chem_comp.formula
EDO non-polymer 1,2-ETHANEDIOL 'C2 H6 O2'
G4P RNA linking GUANOSINE-5',3'-TETRAPHOSPHATE 'C10 H17 N5 O17 P4'
MG non-polymer 'MAGNESIUM ION' 'Mg 2'
#
# COMPACT_ATOMS: atom_id res chain seq x y z
N HIS A 7 -5.15 -7.96 -20.61
CA HIS A 7 -4.35 -7.33 -21.65
C HIS A 7 -4.04 -5.87 -21.32
N HIS A 8 -2.76 -5.50 -21.45
CA HIS A 8 -2.30 -4.15 -21.24
C HIS A 8 -1.51 -3.69 -22.46
N MET A 9 -1.40 -2.37 -22.63
CA MET A 9 -0.72 -1.79 -23.77
C MET A 9 0.59 -1.11 -23.40
N LYS A 10 0.97 -1.09 -22.14
CA LYS A 10 2.20 -0.47 -21.68
C LYS A 10 3.28 -1.53 -21.49
N GLN A 11 4.50 -1.06 -21.17
CA GLN A 11 5.55 -2.00 -20.84
C GLN A 11 5.21 -2.73 -19.56
N LYS A 12 5.83 -3.88 -19.37
CA LYS A 12 5.54 -4.76 -18.25
C LYS A 12 6.84 -5.11 -17.53
N ILE A 13 6.74 -5.37 -16.24
CA ILE A 13 7.89 -5.75 -15.44
C ILE A 13 7.44 -6.82 -14.44
N TRP A 14 8.35 -7.76 -14.17
CA TRP A 14 8.13 -8.83 -13.20
C TRP A 14 9.18 -8.70 -12.10
N TYR A 15 8.74 -8.85 -10.84
CA TYR A 15 9.63 -8.78 -9.69
C TYR A 15 9.56 -10.09 -8.93
N THR A 16 10.72 -10.60 -8.51
CA THR A 16 10.76 -11.78 -7.67
C THR A 16 10.36 -11.41 -6.23
N TYR A 17 10.01 -12.43 -5.45
CA TYR A 17 9.79 -12.21 -4.02
C TYR A 17 11.00 -11.55 -3.38
N ASP A 18 12.21 -12.03 -3.71
CA ASP A 18 13.41 -11.46 -3.12
C ASP A 18 13.64 -10.01 -3.56
N ASP A 19 13.37 -9.71 -4.84
CA ASP A 19 13.44 -8.31 -5.30
C ASP A 19 12.61 -7.42 -4.38
N ILE A 20 11.39 -7.85 -4.05
CA ILE A 20 10.49 -7.03 -3.27
C ILE A 20 10.97 -6.94 -1.82
N HIS A 21 11.43 -8.07 -1.27
CA HIS A 21 12.01 -8.07 0.07
C HIS A 21 13.12 -7.04 0.20
N ARG A 22 14.01 -6.95 -0.80
CA ARG A 22 15.10 -5.99 -0.73
CA ARG A 22 15.11 -6.00 -0.74
C ARG A 22 14.60 -4.56 -0.76
N VAL A 23 13.55 -4.28 -1.54
CA VAL A 23 12.96 -2.94 -1.56
C VAL A 23 12.34 -2.62 -0.20
N ILE A 24 11.65 -3.60 0.40
CA ILE A 24 11.02 -3.37 1.70
C ILE A 24 12.07 -3.04 2.76
N LYS A 25 13.22 -3.73 2.74
CA LYS A 25 14.30 -3.39 3.67
C LYS A 25 14.72 -1.93 3.50
N ALA A 26 14.87 -1.48 2.25
CA ALA A 26 15.24 -0.09 2.01
C ALA A 26 14.13 0.86 2.42
N LEU A 27 12.86 0.46 2.21
CA LEU A 27 11.74 1.28 2.63
C LEU A 27 11.72 1.46 4.14
N ALA A 28 11.97 0.39 4.89
CA ALA A 28 12.05 0.50 6.34
C ALA A 28 13.11 1.51 6.76
N GLU A 29 14.24 1.54 6.05
CA GLU A 29 15.30 2.48 6.38
CA GLU A 29 15.30 2.47 6.39
C GLU A 29 14.87 3.91 6.10
N LYS A 30 14.14 4.14 5.01
CA LYS A 30 13.62 5.47 4.73
C LYS A 30 12.69 5.94 5.85
N ILE A 31 11.83 5.04 6.32
CA ILE A 31 10.89 5.38 7.40
C ILE A 31 11.67 5.70 8.67
N ARG A 32 12.61 4.84 9.04
CA ARG A 32 13.37 5.05 10.27
C ARG A 32 14.13 6.38 10.24
N ASN A 33 14.60 6.79 9.07
CA ASN A 33 15.38 8.02 8.97
C ASN A 33 14.52 9.28 9.05
N ALA A 34 13.20 9.16 8.91
CA ALA A 34 12.32 10.32 8.99
C ALA A 34 11.99 10.73 10.42
N GLY A 35 12.31 9.90 11.41
CA GLY A 35 12.27 10.33 12.79
C GLY A 35 10.95 10.14 13.53
N VAL A 36 9.91 9.66 12.87
CA VAL A 36 8.66 9.31 13.53
C VAL A 36 8.68 7.81 13.80
N LYS A 37 8.52 7.43 15.06
CA LYS A 37 8.45 6.02 15.45
C LYS A 37 7.00 5.57 15.37
N TYR A 38 6.70 4.69 14.43
CA TYR A 38 5.34 4.19 14.31
C TYR A 38 5.10 3.08 15.31
N ASP A 39 3.86 3.01 15.80
CA ASP A 39 3.47 2.06 16.83
C ASP A 39 2.76 0.85 16.27
N ALA A 40 2.20 0.96 15.06
CA ALA A 40 1.51 -0.16 14.42
C ALA A 40 1.39 0.16 12.94
N MET A 41 1.21 -0.90 12.15
CA MET A 41 0.87 -0.80 10.74
C MET A 41 -0.62 -1.08 10.56
N ILE A 42 -1.21 -0.45 9.54
CA ILE A 42 -2.54 -0.82 9.07
C ILE A 42 -2.37 -1.24 7.62
N ALA A 43 -2.38 -2.55 7.37
CA ALA A 43 -2.24 -3.07 6.02
C ALA A 43 -3.58 -3.01 5.30
N ILE A 44 -3.56 -2.57 4.04
CA ILE A 44 -4.76 -2.60 3.22
C ILE A 44 -4.72 -3.88 2.40
N GLY A 45 -5.55 -4.87 2.75
CA GLY A 45 -5.59 -6.09 1.97
C GLY A 45 -6.36 -5.90 0.67
N GLY A 46 -6.13 -6.77 -0.31
CA GLY A 46 -5.21 -7.89 -0.20
C GLY A 46 -3.77 -7.56 -0.56
N GLY A 47 -3.59 -6.44 -1.29
CA GLY A 47 -2.27 -6.13 -1.83
C GLY A 47 -1.26 -5.71 -0.78
N GLY A 48 -1.71 -5.16 0.35
CA GLY A 48 -0.78 -4.70 1.36
C GLY A 48 -0.30 -5.75 2.35
N PHE A 49 -0.91 -6.95 2.34
CA PHE A 49 -0.59 -7.94 3.37
C PHE A 49 0.87 -8.39 3.27
N ILE A 50 1.34 -8.74 2.09
CA ILE A 50 2.71 -9.27 2.00
C ILE A 50 3.71 -8.14 2.24
N PRO A 51 3.60 -6.96 1.62
CA PRO A 51 4.47 -5.84 2.01
C PRO A 51 4.48 -5.53 3.50
N ALA A 52 3.31 -5.59 4.16
CA ALA A 52 3.29 -5.27 5.59
C ALA A 52 4.02 -6.32 6.42
N ARG A 53 3.83 -7.61 6.11
CA ARG A 53 4.53 -8.62 6.92
C ARG A 53 6.03 -8.60 6.63
N MET A 54 6.43 -8.31 5.38
CA MET A 54 7.85 -8.10 5.12
C MET A 54 8.37 -6.90 5.92
N LEU A 55 7.60 -5.82 5.96
CA LEU A 55 8.02 -4.65 6.71
CA LEU A 55 8.02 -4.65 6.72
C LEU A 55 8.14 -4.95 8.20
N ARG A 56 7.32 -5.88 8.72
CA ARG A 56 7.40 -6.18 10.15
C ARG A 56 8.75 -6.76 10.53
N CYS A 57 9.42 -7.43 9.59
CA CYS A 57 10.76 -7.94 9.84
C CYS A 57 11.70 -6.81 10.29
N PHE A 58 11.52 -5.63 9.73
CA PHE A 58 12.41 -4.51 9.96
C PHE A 58 11.85 -3.47 10.93
N LEU A 59 10.54 -3.33 11.03
CA LEU A 59 9.96 -2.33 11.93
C LEU A 59 9.47 -2.90 13.26
N GLU A 60 9.13 -4.18 13.30
CA GLU A 60 8.76 -4.88 14.54
C GLU A 60 7.64 -4.17 15.29
N ILE A 61 6.55 -3.91 14.58
CA ILE A 61 5.32 -3.35 15.16
C ILE A 61 4.15 -4.17 14.64
N PRO A 62 3.05 -4.27 15.39
CA PRO A 62 1.95 -5.14 14.97
C PRO A 62 1.24 -4.64 13.72
N ILE A 63 0.67 -5.59 12.97
CA ILE A 63 -0.05 -5.32 11.73
C ILE A 63 -1.54 -5.46 11.99
N TYR A 64 -2.25 -4.34 11.97
CA TYR A 64 -3.70 -4.35 11.88
C TYR A 64 -4.10 -4.37 10.40
N ALA A 65 -5.37 -4.70 10.13
CA ALA A 65 -5.78 -4.90 8.75
C ALA A 65 -7.13 -4.27 8.43
N VAL A 66 -7.22 -3.65 7.26
CA VAL A 66 -8.48 -3.30 6.63
C VAL A 66 -8.40 -3.87 5.22
N THR A 67 -9.57 -4.06 4.58
CA THR A 67 -9.56 -4.45 3.18
C THR A 67 -10.58 -3.62 2.42
N THR A 68 -10.21 -3.19 1.22
CA THR A 68 -11.09 -2.50 0.31
C THR A 68 -11.19 -3.27 -0.99
N ALA A 69 -12.24 -3.01 -1.75
CA ALA A 69 -12.38 -3.57 -3.08
C ALA A 69 -13.19 -2.61 -3.93
N TYR A 70 -13.05 -2.72 -5.23
CA TYR A 70 -13.90 -1.97 -6.14
C TYR A 70 -15.17 -2.74 -6.42
N TYR A 71 -16.29 -2.02 -6.49
CA TYR A 71 -17.58 -2.62 -6.78
CA TYR A 71 -17.60 -2.60 -6.76
C TYR A 71 -18.29 -1.80 -7.85
N ASP A 72 -19.20 -2.45 -8.56
CA ASP A 72 -19.96 -1.79 -9.62
C ASP A 72 -21.02 -0.88 -8.98
N SER A 73 -20.87 0.42 -9.19
CA SER A 73 -21.73 1.43 -8.56
C SER A 73 -22.58 2.11 -9.63
N ASP A 74 -23.90 2.11 -9.42
CA ASP A 74 -24.87 2.68 -10.36
C ASP A 74 -25.43 3.96 -9.74
N ASN A 75 -24.89 5.10 -10.14
CA ASN A 75 -25.33 6.40 -9.63
C ASN A 75 -25.57 7.34 -10.79
N GLU A 76 -26.76 7.94 -10.83
CA GLU A 76 -27.13 8.95 -11.82
C GLU A 76 -27.04 8.41 -13.25
N GLY A 77 -27.56 7.20 -13.44
CA GLY A 77 -27.64 6.61 -14.77
C GLY A 77 -26.30 6.25 -15.38
N GLN A 78 -25.28 5.98 -14.57
CA GLN A 78 -23.97 5.62 -15.07
C GLN A 78 -23.33 4.64 -14.09
N VAL A 79 -22.88 3.50 -14.61
CA VAL A 79 -22.27 2.46 -13.79
C VAL A 79 -20.75 2.58 -13.90
N THR A 80 -20.09 2.85 -12.78
CA THR A 80 -18.64 2.89 -12.68
C THR A 80 -18.21 2.09 -11.46
N GLU A 81 -16.93 1.76 -11.40
CA GLU A 81 -16.38 1.10 -10.23
C GLU A 81 -16.03 2.13 -9.17
N GLU A 82 -16.41 1.83 -7.92
CA GLU A 82 -16.08 2.67 -6.78
C GLU A 82 -15.48 1.80 -5.68
N VAL A 83 -14.63 2.41 -4.87
CA VAL A 83 -14.00 1.67 -3.78
CA VAL A 83 -13.99 1.69 -3.76
C VAL A 83 -14.94 1.63 -2.58
N LYS A 84 -15.00 0.47 -1.92
CA LYS A 84 -15.80 0.27 -0.72
C LYS A 84 -15.00 -0.53 0.31
N LYS A 85 -15.44 -0.43 1.56
CA LYS A 85 -14.89 -1.28 2.61
C LYS A 85 -15.37 -2.72 2.48
N VAL A 86 -14.44 -3.66 2.63
CA VAL A 86 -14.76 -5.06 2.80
C VAL A 86 -14.62 -5.49 4.26
N GLN A 87 -13.55 -5.03 4.90
CA GLN A 87 -13.32 -5.19 6.33
C GLN A 87 -12.70 -3.92 6.86
N TRP A 88 -13.13 -3.47 8.05
CA TRP A 88 -12.59 -2.25 8.60
C TRP A 88 -12.27 -2.45 10.08
N LEU A 89 -11.56 -1.48 10.63
CA LEU A 89 -11.23 -1.43 12.06
CA LEU A 89 -11.24 -1.45 12.06
C LEU A 89 -12.36 -0.70 12.76
N ASP A 90 -13.37 -1.45 13.20
CA ASP A 90 -14.57 -0.93 13.86
C ASP A 90 -14.75 -1.60 15.21
N PRO A 91 -14.57 -0.89 16.33
CA PRO A 91 -13.93 0.42 16.46
C PRO A 91 -12.43 0.26 16.40
N VAL A 92 -11.69 1.36 16.32
CA VAL A 92 -10.24 1.27 16.50
C VAL A 92 -9.96 0.86 17.94
N PRO A 93 -9.11 -0.14 18.18
CA PRO A 93 -8.83 -0.56 19.57
C PRO A 93 -8.22 0.57 20.38
N GLU A 94 -8.50 0.54 21.69
CA GLU A 94 -8.07 1.62 22.55
C GLU A 94 -6.54 1.74 22.61
N VAL A 95 -5.82 0.63 22.42
CA VAL A 95 -4.37 0.66 22.49
CA VAL A 95 -4.37 0.68 22.49
C VAL A 95 -3.76 1.52 21.39
N LEU A 96 -4.52 1.81 20.33
CA LEU A 96 -4.03 2.65 19.25
C LEU A 96 -4.41 4.13 19.40
N ARG A 97 -5.21 4.48 20.41
CA ARG A 97 -5.61 5.86 20.57
C ARG A 97 -4.40 6.74 20.84
N GLY A 98 -4.27 7.82 20.08
CA GLY A 98 -3.15 8.72 20.26
C GLY A 98 -1.82 8.18 19.79
N LYS A 99 -1.80 7.08 19.06
CA LYS A 99 -0.57 6.45 18.59
C LYS A 99 -0.29 6.82 17.15
N ASN A 100 0.90 6.44 16.68
CA ASN A 100 1.31 6.66 15.30
C ASN A 100 1.07 5.39 14.50
N VAL A 101 0.33 5.49 13.41
CA VAL A 101 0.01 4.30 12.60
C VAL A 101 0.48 4.51 11.17
N LEU A 102 1.02 3.45 10.58
CA LEU A 102 1.60 3.46 9.24
C LEU A 102 0.72 2.61 8.33
N VAL A 103 0.04 3.26 7.39
CA VAL A 103 -0.79 2.56 6.42
C VAL A 103 0.12 1.97 5.35
N VAL A 104 -0.09 0.70 4.99
CA VAL A 104 0.81 -0.02 4.08
C VAL A 104 0.01 -0.57 2.90
N ASP A 105 0.50 -0.35 1.68
CA ASP A 105 -0.12 -0.96 0.51
C ASP A 105 0.98 -1.30 -0.50
N GLU A 106 0.62 -2.09 -1.53
CA GLU A 106 1.68 -2.53 -2.45
C GLU A 106 1.95 -1.55 -3.59
N VAL A 107 0.92 -0.89 -4.14
CA VAL A 107 1.13 -0.05 -5.32
C VAL A 107 0.33 1.24 -5.20
N ASP A 108 1.00 2.35 -5.53
CA ASP A 108 0.41 3.66 -5.71
C ASP A 108 0.21 3.84 -7.21
N ASP A 109 -1.01 3.59 -7.67
CA ASP A 109 -1.35 3.66 -9.08
C ASP A 109 -2.24 4.87 -9.34
N SER A 110 -3.51 4.83 -8.92
CA SER A 110 -4.41 5.97 -9.10
C SER A 110 -4.59 6.81 -7.85
N ARG A 111 -4.21 6.29 -6.67
CA ARG A 111 -4.42 6.88 -5.35
C ARG A 111 -5.88 6.95 -4.93
N VAL A 112 -6.80 6.33 -5.68
CA VAL A 112 -8.20 6.35 -5.29
C VAL A 112 -8.41 5.55 -4.00
N THR A 113 -7.80 4.36 -3.89
CA THR A 113 -7.95 3.60 -2.65
C THR A 113 -7.23 4.30 -1.51
N MET A 114 -6.03 4.80 -1.79
CA MET A 114 -5.23 5.46 -0.76
C MET A 114 -5.97 6.66 -0.17
N GLU A 115 -6.53 7.51 -1.03
CA GLU A 115 -7.29 8.67 -0.54
C GLU A 115 -8.47 8.23 0.30
N PHE A 116 -9.21 7.21 -0.17
CA PHE A 116 -10.37 6.73 0.56
C PHE A 116 -9.97 6.25 1.96
N CYS A 117 -8.91 5.44 2.04
CA CYS A 117 -8.54 4.89 3.34
C CYS A 117 -7.98 5.96 4.26
N LEU A 118 -7.14 6.87 3.74
CA LEU A 118 -6.58 7.90 4.59
C LEU A 118 -7.66 8.85 5.10
N LYS A 119 -8.61 9.23 4.25
CA LYS A 119 -9.70 10.08 4.71
C LYS A 119 -10.49 9.39 5.83
N GLU A 120 -10.73 8.09 5.70
CA GLU A 120 -11.47 7.39 6.75
C GLU A 120 -10.65 7.30 8.04
N LEU A 121 -9.35 7.04 7.93
CA LEU A 121 -8.54 6.90 9.14
C LEU A 121 -8.27 8.23 9.84
N LEU A 122 -8.37 9.35 9.12
CA LEU A 122 -8.23 10.65 9.77
C LEU A 122 -9.43 11.00 10.63
N LYS A 123 -10.53 10.25 10.52
CA LYS A 123 -11.65 10.42 11.45
C LYS A 123 -11.36 9.89 12.83
N GLU A 124 -10.27 9.15 13.01
CA GLU A 124 -9.95 8.49 14.26
C GLU A 124 -9.00 9.34 15.09
N ASP A 125 -8.75 8.87 16.31
CA ASP A 125 -7.92 9.61 17.26
C ASP A 125 -6.49 9.05 17.26
N PHE A 126 -5.83 9.19 16.12
CA PHE A 126 -4.42 8.89 16.00
C PHE A 126 -3.59 10.16 16.14
N ASP A 127 -2.33 9.99 16.53
CA ASP A 127 -1.38 11.09 16.52
C ASP A 127 -0.93 11.36 15.08
N THR A 128 -0.01 10.55 14.58
CA THR A 128 0.46 10.65 13.20
C THR A 128 -0.07 9.47 12.40
N VAL A 129 -0.66 9.76 11.24
CA VAL A 129 -0.96 8.76 10.23
C VAL A 129 0.02 8.96 9.09
N GLY A 130 0.80 7.93 8.78
CA GLY A 130 1.69 7.93 7.64
C GLY A 130 1.30 6.85 6.66
N VAL A 131 1.88 6.89 5.46
CA VAL A 131 1.60 5.89 4.46
C VAL A 131 2.91 5.43 3.81
N ALA A 132 3.01 4.11 3.62
CA ALA A 132 4.16 3.47 3.00
C ALA A 132 3.67 2.54 1.91
N VAL A 133 4.17 2.71 0.69
CA VAL A 133 3.80 1.85 -0.43
CA VAL A 133 3.80 1.86 -0.44
C VAL A 133 5.06 1.23 -1.01
N LEU A 134 4.93 -0.01 -1.46
CA LEU A 134 6.07 -0.71 -2.06
C LEU A 134 6.51 -0.02 -3.35
N HIS A 135 5.57 0.20 -4.27
CA HIS A 135 5.84 0.74 -5.60
C HIS A 135 5.01 1.98 -5.83
N GLU A 136 5.67 3.06 -6.24
CA GLU A 136 5.02 4.31 -6.61
C GLU A 136 5.13 4.51 -8.12
N LYS A 137 4.01 4.40 -8.82
CA LYS A 137 4.00 4.65 -10.26
C LYS A 137 3.95 6.14 -10.56
N ILE A 138 4.79 6.58 -11.48
CA ILE A 138 4.85 7.98 -11.90
C ILE A 138 3.82 8.17 -13.02
N LYS A 139 2.70 8.81 -12.68
CA LYS A 139 1.57 8.93 -13.57
C LYS A 139 0.59 9.92 -12.94
N ALA A 140 -0.41 10.31 -13.72
CA ALA A 140 -1.46 11.16 -13.18
C ALA A 140 -2.25 10.39 -12.12
N LYS A 141 -2.75 11.12 -11.14
CA LYS A 141 -3.41 10.55 -9.97
C LYS A 141 -4.83 11.09 -9.86
N ALA A 142 -5.79 10.18 -9.75
CA ALA A 142 -7.15 10.63 -9.50
C ALA A 142 -7.37 10.94 -8.03
N GLY A 143 -6.70 10.21 -7.13
CA GLY A 143 -6.80 10.49 -5.72
C GLY A 143 -5.72 11.43 -5.23
N LYS A 144 -5.99 12.05 -4.08
CA LYS A 144 -5.08 13.00 -3.45
C LYS A 144 -4.77 12.56 -2.03
N ILE A 145 -3.52 12.71 -1.63
CA ILE A 145 -3.10 12.40 -0.27
C ILE A 145 -3.41 13.60 0.63
N PRO A 146 -4.13 13.40 1.75
CA PRO A 146 -4.44 14.53 2.63
C PRO A 146 -3.17 15.22 3.13
N GLU A 147 -3.37 16.46 3.61
N GLU A 147 -3.36 16.46 3.58
CA GLU A 147 -2.27 17.42 3.74
CA GLU A 147 -2.25 17.26 4.08
C GLU A 147 -1.12 16.89 4.60
C GLU A 147 -1.74 16.71 5.41
N GLY A 148 -1.38 16.64 5.87
N GLY A 148 -0.42 16.77 5.59
CA GLY A 148 -0.31 16.31 6.81
CA GLY A 148 0.20 16.39 6.84
C GLY A 148 -0.10 14.83 7.05
C GLY A 148 0.41 14.92 7.04
N ILE A 149 0.27 14.10 6.00
CA ILE A 149 0.49 12.66 6.09
C ILE A 149 1.86 12.34 5.50
N PRO A 150 2.82 11.89 6.31
CA PRO A 150 4.11 11.48 5.74
C PRO A 150 3.91 10.34 4.74
N TYR A 151 4.68 10.40 3.65
CA TYR A 151 4.57 9.45 2.55
C TYR A 151 5.93 8.86 2.23
N PHE A 152 5.96 7.54 2.06
CA PHE A 152 7.18 6.82 1.70
C PHE A 152 6.84 5.80 0.62
N SER A 153 7.68 5.70 -0.39
CA SER A 153 7.57 4.61 -1.34
C SER A 153 8.90 3.87 -1.42
N GLY A 154 8.82 2.56 -1.63
CA GLY A 154 10.03 1.77 -1.72
C GLY A 154 10.88 2.16 -2.90
N ILE A 155 10.30 2.10 -4.11
CA ILE A 155 10.91 2.63 -5.32
C ILE A 155 9.83 3.31 -6.13
N THR A 156 10.23 4.28 -6.94
CA THR A 156 9.35 4.81 -7.96
C THR A 156 9.54 4.02 -9.25
N VAL A 157 8.45 3.81 -9.98
CA VAL A 157 8.43 3.00 -11.18
CA VAL A 157 8.51 3.05 -11.20
C VAL A 157 7.81 3.82 -12.29
N GLU A 158 8.18 3.52 -13.53
CA GLU A 158 7.47 4.04 -14.68
C GLU A 158 6.01 3.60 -14.64
N ASP A 159 5.19 4.18 -15.51
CA ASP A 159 3.81 3.74 -15.63
C ASP A 159 3.75 2.45 -16.44
N TRP A 160 4.21 1.38 -15.80
CA TRP A 160 4.24 0.05 -16.37
C TRP A 160 3.34 -0.86 -15.56
N TRP A 161 2.91 -1.96 -16.17
CA TRP A 161 2.15 -2.95 -15.41
C TRP A 161 3.12 -3.83 -14.63
N ILE A 162 2.95 -3.87 -13.32
CA ILE A 162 3.80 -4.65 -12.44
C ILE A 162 3.19 -6.01 -12.22
N ASN A 163 3.95 -7.06 -12.48
CA ASN A 163 3.52 -8.44 -12.23
C ASN A 163 4.16 -8.91 -10.93
N TYR A 164 3.32 -9.15 -9.91
CA TYR A 164 3.76 -9.55 -8.59
C TYR A 164 3.93 -11.06 -8.50
N PRO A 165 4.92 -11.52 -7.74
CA PRO A 165 5.13 -12.97 -7.63
C PRO A 165 3.97 -13.68 -6.95
N TRP A 166 3.21 -12.98 -6.11
CA TRP A 166 2.07 -13.58 -5.45
C TRP A 166 0.86 -13.70 -6.35
N ASP A 167 0.99 -13.34 -7.63
CA ASP A 167 0.00 -13.64 -8.65
C ASP A 167 0.49 -14.68 -9.66
N ALA A 168 1.64 -15.29 -9.42
CA ALA A 168 2.26 -16.21 -10.39
C ALA A 168 1.72 -17.62 -10.20
N LEU A 169 0.92 -18.09 -11.16
CA LEU A 169 0.55 -19.50 -11.16
C LEU A 169 1.78 -20.39 -11.32
N ASP A 170 2.77 -19.93 -12.08
CA ASP A 170 4.01 -20.66 -12.36
C ASP A 170 5.17 -19.77 -11.92
N ILE A 171 5.68 -19.99 -10.70
CA ILE A 171 6.70 -19.10 -10.16
C ILE A 171 8.01 -19.21 -10.94
N ASP A 172 8.28 -20.38 -11.54
CA ASP A 172 9.48 -20.50 -12.35
C ASP A 172 9.41 -19.63 -13.60
N GLU A 173 8.26 -19.63 -14.28
CA GLU A 173 8.10 -18.78 -15.45
C GLU A 173 8.10 -17.31 -15.05
N HIS A 174 7.47 -16.99 -13.91
CA HIS A 174 7.50 -15.64 -13.38
C HIS A 174 8.92 -15.17 -13.16
N ASN A 175 9.74 -16.01 -12.53
CA ASN A 175 11.13 -15.62 -12.26
C ASN A 175 11.92 -15.47 -13.54
N ARG A 176 11.63 -16.31 -14.55
CA ARG A 176 12.30 -16.16 -15.84
C ARG A 176 12.02 -14.79 -16.44
N LEU A 177 10.76 -14.36 -16.40
CA LEU A 177 10.41 -13.05 -16.95
C LEU A 177 11.00 -11.91 -16.13
N ALA A 178 11.17 -12.10 -14.82
CA ALA A 178 11.80 -11.07 -13.99
C ALA A 178 13.27 -10.91 -14.36
N GLU A 179 13.98 -12.02 -14.55
CA GLU A 179 15.39 -11.93 -14.93
C GLU A 179 15.55 -11.43 -16.36
N ALA A 180 14.64 -11.82 -17.24
CA ALA A 180 14.67 -11.35 -18.63
C ALA A 180 14.35 -9.87 -18.76
N GLY A 181 14.05 -9.18 -17.66
CA GLY A 181 13.77 -7.77 -17.70
C GLY A 181 14.88 -6.92 -17.12
N ARG A 182 15.84 -7.56 -16.47
CA ARG A 182 16.96 -6.84 -15.86
C ARG A 182 18.01 -6.50 -16.92
C1 EDO B . 5.97 -7.06 16.18
O1 EDO B . 7.30 -7.56 15.93
C2 EDO B . 5.03 -8.23 16.46
O2 EDO B . 3.69 -7.74 16.57
C1 EDO C . -5.02 -0.42 -3.52
O1 EDO C . -5.48 -1.15 -2.37
C2 EDO C . -3.69 -1.02 -3.96
O2 EDO C . -3.82 -2.44 -3.80
PB G4P D . -3.88 3.16 -4.92
O1B G4P D . -4.88 3.99 -4.28
O2B G4P D . -3.03 3.87 -5.99
O3B G4P D . -2.95 2.50 -3.85
O3A G4P D . -4.55 1.89 -5.61
PA G4P D . -5.68 1.77 -6.71
O1A G4P D . -7.01 2.10 -6.14
O2A G4P D . -5.29 2.59 -7.91
O5' G4P D . -5.52 0.22 -7.11
C5' G4P D . -6.61 -0.55 -7.67
C4' G4P D . -6.10 -1.94 -7.95
O4' G4P D . -5.19 -1.92 -9.06
C3' G4P D . -5.33 -2.58 -6.78
O3' G4P D . -5.99 -3.82 -6.42
C2' G4P D . -3.92 -2.85 -7.32
O2' G4P D . -3.35 -4.08 -6.86
C1' G4P D . -4.18 -2.87 -8.83
N9 G4P D . -3.00 -2.46 -9.59
C8 G4P D . -2.66 -1.18 -9.96
N7 G4P D . -1.53 -1.12 -10.63
C5 G4P D . -1.10 -2.44 -10.70
C6 G4P D . 0.05 -3.02 -11.31
O6 G4P D . 0.95 -2.45 -11.93
N1 G4P D . 0.08 -4.39 -11.16
C2 G4P D . -0.86 -5.14 -10.50
N2 G4P D . -0.68 -6.46 -10.46
N3 G4P D . -1.94 -4.60 -9.92
C4 G4P D . -2.00 -3.27 -10.06
PC G4P D . -7.23 -3.87 -5.45
O1C G4P D . -8.49 -3.55 -6.17
O2C G4P D . -6.89 -2.92 -4.32
O3C G4P D . -7.23 -5.36 -4.88
PD G4P D . -6.25 -6.19 -3.94
O1D G4P D . -5.37 -5.19 -3.26
O2D G4P D . -7.16 -6.94 -2.95
O3D G4P D . -5.54 -7.15 -4.85
MG MG E . -5.53 -3.21 -2.75
MG MG F . -15.67 2.71 12.18
#